data_6F4Q
#
_entry.id   6F4Q
#
_cell.length_a   49.406
_cell.length_b   65.073
_cell.length_c   77.769
_cell.angle_alpha   90.00
_cell.angle_beta   90.00
_cell.angle_gamma   90.00
#
_symmetry.space_group_name_H-M   'P 21 21 21'
#
loop_
_entity.id
_entity.type
_entity.pdbx_description
1 polymer 'JmjC domain-containing protein 5'
2 polymer '40S ribosomal protein S6'
3 non-polymer 'MANGANESE (II) ION'
4 non-polymer N-OXALYLGLYCINE
5 non-polymer 2-AMINO-2-HYDROXYMETHYL-PROPANE-1,3-DIOL
6 non-polymer GLYCEROL
7 water water
#
loop_
_entity_poly.entity_id
_entity_poly.type
_entity_poly.pdbx_seq_one_letter_code
_entity_poly.pdbx_strand_id
1 'polypeptide(L)'
;HHHHHHSSGVDLGTENLYFQSTVPRLHRPSLQHFREQFLVPGRPVILKGVADHWPAMQKWSLEYIQEIAGARTVPVEVGS
RYTDEEWSQTLMTVNEFISKYIVNEPRDVGYLACHQLFDQIPELKQDISIPDYASLGDGEEEEITINAWFGPQGTISPLH
QDPQQNFLVQVMGRKYIRLYSPQESGALYPHDTHLLHNTSQVDVENPDLEKFPKFAKAPFLSAILSPGEILFIPVKYWHY
VRALDLSFSVSFWWS
;
A
2 'polypeptide(L)' VPRRLGPKRCSRIRKL B
#
# COMPACT_ATOMS: atom_id res chain seq x y z
N SER A 21 -0.57 14.05 14.01
N SER A 21 -0.68 14.26 13.03
CA SER A 21 -1.98 13.68 14.01
CA SER A 21 -1.85 13.69 13.69
C SER A 21 -2.18 12.30 13.37
C SER A 21 -2.07 12.24 13.24
N THR A 22 -3.07 11.49 13.94
N THR A 22 -3.03 11.54 13.83
CA THR A 22 -3.29 10.13 13.48
CA THR A 22 -3.30 10.16 13.48
C THR A 22 -4.50 10.07 12.55
C THR A 22 -4.52 10.06 12.57
N VAL A 23 -4.45 9.16 11.59
CA VAL A 23 -5.61 8.93 10.72
C VAL A 23 -6.80 8.49 11.57
N PRO A 24 -7.99 9.06 11.39
CA PRO A 24 -9.14 8.61 12.16
C PRO A 24 -9.57 7.19 11.83
N ARG A 25 -10.07 6.48 12.81
CA ARG A 25 -10.60 5.12 12.67
C ARG A 25 -12.09 5.12 12.93
N LEU A 26 -12.87 4.58 11.98
CA LEU A 26 -14.33 4.51 12.05
C LEU A 26 -14.76 3.08 11.81
N HIS A 27 -15.72 2.62 12.61
CA HIS A 27 -16.27 1.28 12.47
C HIS A 27 -17.44 1.34 11.48
N ARG A 28 -17.30 0.68 10.33
N ARG A 28 -17.28 0.68 10.33
CA ARG A 28 -18.40 0.46 9.39
CA ARG A 28 -18.33 0.47 9.33
C ARG A 28 -19.26 1.72 9.19
C ARG A 28 -19.24 1.70 9.17
N PRO A 29 -18.68 2.84 8.80
CA PRO A 29 -19.52 4.02 8.56
C PRO A 29 -20.47 3.78 7.40
N SER A 30 -21.61 4.48 7.42
CA SER A 30 -22.52 4.39 6.28
C SER A 30 -21.84 4.84 4.99
N LEU A 31 -22.38 4.38 3.85
CA LEU A 31 -21.90 4.85 2.55
C LEU A 31 -21.98 6.37 2.47
N GLN A 32 -23.08 6.94 2.95
CA GLN A 32 -23.25 8.38 2.83
C GLN A 32 -22.24 9.13 3.67
N HIS A 33 -22.00 8.67 4.90
CA HIS A 33 -21.02 9.32 5.78
C HIS A 33 -19.62 9.24 5.15
N PHE A 34 -19.26 8.07 4.63
CA PHE A 34 -17.96 7.97 3.98
C PHE A 34 -17.88 8.92 2.79
N ARG A 35 -18.93 8.95 1.97
CA ARG A 35 -18.93 9.81 0.79
CA ARG A 35 -18.90 9.80 0.78
C ARG A 35 -18.74 11.26 1.16
N GLU A 36 -19.57 11.75 2.11
N GLU A 36 -19.58 11.75 2.08
CA GLU A 36 -19.58 13.17 2.41
CA GLU A 36 -19.63 13.18 2.32
C GLU A 36 -18.38 13.64 3.24
C GLU A 36 -18.50 13.69 3.22
N GLN A 37 -17.92 12.85 4.22
N GLN A 37 -17.96 12.85 4.12
CA GLN A 37 -16.86 13.31 5.11
CA GLN A 37 -16.93 13.30 5.05
C GLN A 37 -15.47 12.90 4.66
C GLN A 37 -15.51 12.88 4.68
N PHE A 38 -15.34 11.95 3.72
CA PHE A 38 -14.02 11.45 3.35
C PHE A 38 -13.81 11.44 1.85
N LEU A 39 -14.67 10.78 1.07
CA LEU A 39 -14.43 10.63 -0.37
C LEU A 39 -14.47 11.97 -1.10
N VAL A 40 -15.53 12.73 -0.91
CA VAL A 40 -15.69 14.01 -1.62
C VAL A 40 -14.62 15.02 -1.19
N PRO A 41 -14.38 15.26 0.11
CA PRO A 41 -13.31 16.20 0.48
C PRO A 41 -11.90 15.66 0.29
N GLY A 42 -11.74 14.36 0.08
CA GLY A 42 -10.41 13.78 -0.07
C GLY A 42 -9.63 13.69 1.23
N ARG A 43 -10.26 13.12 2.26
N ARG A 43 -10.27 13.14 2.27
CA ARG A 43 -9.63 13.01 3.58
CA ARG A 43 -9.64 13.01 3.58
C ARG A 43 -9.41 11.55 3.92
C ARG A 43 -9.41 11.55 3.89
N PRO A 44 -8.22 11.17 4.39
CA PRO A 44 -7.98 9.76 4.72
C PRO A 44 -8.74 9.28 5.94
N VAL A 45 -9.00 7.97 6.00
CA VAL A 45 -9.67 7.36 7.14
C VAL A 45 -9.27 5.90 7.13
N ILE A 46 -9.30 5.27 8.29
CA ILE A 46 -9.17 3.83 8.44
C ILE A 46 -10.53 3.27 8.79
N LEU A 47 -10.97 2.30 8.00
CA LEU A 47 -12.25 1.64 8.15
C LEU A 47 -12.06 0.31 8.87
N LYS A 48 -12.75 0.17 10.00
N LYS A 48 -12.77 0.18 9.99
CA LYS A 48 -12.73 -1.02 10.83
CA LYS A 48 -12.74 -1.00 10.84
C LYS A 48 -14.04 -1.77 10.67
C LYS A 48 -14.04 -1.77 10.67
N GLY A 49 -13.96 -3.07 10.90
CA GLY A 49 -15.15 -3.89 10.85
C GLY A 49 -15.62 -4.20 9.47
N VAL A 50 -14.79 -3.97 8.45
CA VAL A 50 -15.16 -4.14 7.06
C VAL A 50 -14.45 -5.33 6.44
N ALA A 51 -13.13 -5.35 6.51
CA ALA A 51 -12.33 -6.44 5.97
C ALA A 51 -11.91 -7.45 7.03
N ASP A 52 -12.31 -7.23 8.29
CA ASP A 52 -11.91 -8.14 9.34
C ASP A 52 -12.50 -9.52 9.18
N HIS A 53 -13.53 -9.68 8.34
CA HIS A 53 -14.05 -11.01 8.07
C HIS A 53 -13.77 -11.54 6.65
N TRP A 54 -12.79 -10.98 5.94
CA TRP A 54 -12.30 -11.67 4.76
C TRP A 54 -11.79 -13.04 5.19
N PRO A 55 -12.05 -14.09 4.41
CA PRO A 55 -11.42 -15.40 4.73
C PRO A 55 -9.90 -15.30 4.82
N ALA A 56 -9.30 -14.41 4.02
CA ALA A 56 -7.86 -14.23 4.05
C ALA A 56 -7.33 -13.99 5.45
N MET A 57 -8.10 -13.31 6.29
CA MET A 57 -7.59 -12.90 7.59
C MET A 57 -7.18 -14.09 8.42
N GLN A 58 -7.92 -15.19 8.28
N GLN A 58 -7.92 -15.18 8.32
CA GLN A 58 -7.57 -16.40 9.00
CA GLN A 58 -7.54 -16.39 9.03
C GLN A 58 -6.80 -17.40 8.15
C GLN A 58 -6.79 -17.40 8.15
N LYS A 59 -7.02 -17.39 6.83
CA LYS A 59 -6.47 -18.45 5.98
C LYS A 59 -5.04 -18.20 5.53
N TRP A 60 -4.63 -16.94 5.36
CA TRP A 60 -3.36 -16.66 4.70
C TRP A 60 -2.24 -16.80 5.72
N SER A 61 -1.39 -17.76 5.46
CA SER A 61 -0.18 -18.03 6.19
C SER A 61 0.86 -18.30 5.13
N LEU A 62 2.14 -18.25 5.48
CA LEU A 62 3.14 -18.67 4.51
C LEU A 62 2.82 -20.03 3.92
N GLU A 63 2.37 -20.97 4.77
CA GLU A 63 2.10 -22.31 4.27
C GLU A 63 0.96 -22.32 3.27
N TYR A 64 -0.13 -21.60 3.56
N TYR A 64 -0.12 -21.59 3.56
CA TYR A 64 -1.24 -21.52 2.63
CA TYR A 64 -1.24 -21.53 2.61
C TYR A 64 -0.83 -20.86 1.32
C TYR A 64 -0.82 -20.87 1.31
N ILE A 65 -0.09 -19.77 1.42
CA ILE A 65 0.37 -19.09 0.21
C ILE A 65 1.24 -20.01 -0.63
N GLN A 66 2.14 -20.77 0.01
CA GLN A 66 2.96 -21.73 -0.73
C GLN A 66 2.08 -22.76 -1.43
N GLU A 67 1.07 -23.27 -0.72
CA GLU A 67 0.24 -24.32 -1.30
C GLU A 67 -0.52 -23.82 -2.51
N ILE A 68 -1.09 -22.61 -2.42
N ILE A 68 -1.09 -22.62 -2.43
CA ILE A 68 -1.97 -22.10 -3.48
CA ILE A 68 -1.94 -22.14 -3.51
C ILE A 68 -1.21 -21.37 -4.59
C ILE A 68 -1.13 -21.48 -4.62
N ALA A 69 -0.08 -20.73 -4.28
CA ALA A 69 0.60 -19.86 -5.22
C ALA A 69 2.07 -20.19 -5.44
N GLY A 70 2.62 -21.12 -4.69
CA GLY A 70 4.06 -21.31 -4.63
C GLY A 70 4.73 -21.51 -5.98
N ALA A 71 4.06 -22.22 -6.87
CA ALA A 71 4.67 -22.55 -8.17
C ALA A 71 4.55 -21.45 -9.19
N ARG A 72 3.83 -20.38 -8.91
CA ARG A 72 3.57 -19.35 -9.91
C ARG A 72 4.70 -18.31 -9.94
N THR A 73 4.94 -17.76 -11.13
CA THR A 73 5.96 -16.74 -11.31
C THR A 73 5.43 -15.38 -10.92
N VAL A 74 6.23 -14.64 -10.17
CA VAL A 74 5.85 -13.29 -9.74
C VAL A 74 7.01 -12.35 -9.95
N PRO A 75 6.71 -11.06 -10.16
CA PRO A 75 7.75 -10.04 -10.21
C PRO A 75 8.13 -9.64 -8.81
N VAL A 76 9.43 -9.47 -8.59
CA VAL A 76 9.98 -9.14 -7.29
C VAL A 76 10.91 -7.94 -7.42
N GLU A 77 10.72 -6.94 -6.58
CA GLU A 77 11.56 -5.78 -6.54
C GLU A 77 12.66 -6.03 -5.51
N VAL A 78 13.89 -5.83 -5.92
CA VAL A 78 15.06 -6.15 -5.09
C VAL A 78 15.80 -4.83 -4.83
N GLY A 79 15.93 -4.47 -3.55
CA GLY A 79 16.58 -3.23 -3.17
C GLY A 79 15.76 -2.54 -2.10
N SER A 80 16.37 -1.59 -1.39
N SER A 80 16.39 -1.65 -1.34
CA SER A 80 15.70 -1.01 -0.25
CA SER A 80 15.70 -1.01 -0.22
C SER A 80 14.49 -0.15 -0.65
C SER A 80 14.47 -0.20 -0.66
N ARG A 81 14.61 0.62 -1.74
CA ARG A 81 13.60 1.57 -2.15
C ARG A 81 13.68 1.67 -3.67
N TYR A 82 12.52 1.83 -4.33
CA TYR A 82 12.53 1.85 -5.79
C TYR A 82 13.23 3.07 -6.37
N THR A 83 13.53 4.06 -5.54
CA THR A 83 14.31 5.22 -5.97
C THR A 83 15.81 4.99 -5.87
N ASP A 84 16.25 3.85 -5.37
CA ASP A 84 17.69 3.60 -5.24
C ASP A 84 18.33 3.29 -6.61
N GLU A 85 19.65 3.49 -6.69
N GLU A 85 19.66 3.58 -6.75
CA GLU A 85 20.40 3.18 -7.91
CA GLU A 85 20.35 3.23 -7.99
C GLU A 85 20.49 1.67 -8.12
C GLU A 85 20.52 1.73 -8.10
N GLU A 86 20.81 0.92 -7.07
CA GLU A 86 21.01 -0.51 -7.20
C GLU A 86 19.69 -1.28 -7.38
N TRP A 87 18.55 -0.64 -7.14
CA TRP A 87 17.26 -1.32 -7.19
C TRP A 87 17.00 -1.97 -8.55
N SER A 88 16.38 -3.14 -8.53
CA SER A 88 16.09 -3.85 -9.77
C SER A 88 14.81 -4.67 -9.62
N GLN A 89 14.35 -5.23 -10.72
CA GLN A 89 13.17 -6.05 -10.76
C GLN A 89 13.53 -7.38 -11.40
N THR A 90 13.05 -8.48 -10.82
CA THR A 90 13.31 -9.80 -11.38
C THR A 90 12.06 -10.66 -11.33
N LEU A 91 12.19 -11.92 -11.69
CA LEU A 91 11.11 -12.89 -11.72
C LEU A 91 11.55 -14.15 -11.01
N MET A 92 10.65 -14.69 -10.20
N MET A 92 10.65 -14.73 -10.22
CA MET A 92 10.93 -15.98 -9.56
CA MET A 92 10.93 -15.99 -9.56
C MET A 92 9.60 -16.57 -9.15
C MET A 92 9.60 -16.57 -9.10
N THR A 93 9.61 -17.83 -8.69
CA THR A 93 8.38 -18.38 -8.17
C THR A 93 8.09 -17.82 -6.78
N VAL A 94 6.82 -17.91 -6.38
CA VAL A 94 6.44 -17.51 -5.03
C VAL A 94 7.22 -18.32 -4.00
N ASN A 95 7.43 -19.62 -4.24
CA ASN A 95 8.23 -20.43 -3.31
C ASN A 95 9.63 -19.88 -3.19
N GLU A 96 10.24 -19.53 -4.32
CA GLU A 96 11.58 -18.95 -4.30
C GLU A 96 11.60 -17.63 -3.55
N PHE A 97 10.62 -16.78 -3.80
CA PHE A 97 10.56 -15.50 -3.10
C PHE A 97 10.50 -15.71 -1.60
N ILE A 98 9.64 -16.61 -1.15
CA ILE A 98 9.52 -16.85 0.29
C ILE A 98 10.82 -17.37 0.86
N SER A 99 11.44 -18.33 0.17
N SER A 99 11.44 -18.34 0.17
CA SER A 99 12.68 -18.92 0.66
CA SER A 99 12.67 -18.95 0.68
C SER A 99 13.81 -17.92 0.72
C SER A 99 13.78 -17.91 0.78
N LYS A 100 13.97 -17.08 -0.30
N LYS A 100 13.99 -17.13 -0.28
CA LYS A 100 15.14 -16.23 -0.41
CA LYS A 100 15.14 -16.25 -0.36
C LYS A 100 14.97 -14.90 0.30
C LYS A 100 14.95 -14.98 0.43
N TYR A 101 13.75 -14.38 0.37
CA TYR A 101 13.54 -13.01 0.83
C TYR A 101 12.74 -12.92 2.09
N ILE A 102 12.17 -14.03 2.59
N ILE A 102 12.17 -14.03 2.58
CA ILE A 102 11.43 -13.98 3.83
CA ILE A 102 11.38 -14.02 3.81
C ILE A 102 12.03 -14.92 4.87
C ILE A 102 12.06 -14.90 4.84
N VAL A 103 12.10 -16.21 4.57
CA VAL A 103 12.40 -17.23 5.59
C VAL A 103 13.88 -17.31 5.88
N ASN A 104 14.68 -17.51 4.85
CA ASN A 104 16.09 -17.63 5.14
C ASN A 104 16.53 -16.22 5.40
N GLU A 105 17.59 -16.09 6.19
CA GLU A 105 18.05 -14.78 6.62
C GLU A 105 18.34 -14.14 5.30
N PRO A 106 17.48 -13.20 4.91
CA PRO A 106 17.69 -12.64 3.57
C PRO A 106 18.91 -11.74 3.51
N ARG A 107 19.57 -11.77 2.35
CA ARG A 107 20.72 -10.92 2.08
C ARG A 107 20.33 -9.52 1.61
N ASP A 108 19.17 -9.41 0.95
CA ASP A 108 18.70 -8.13 0.43
C ASP A 108 17.21 -8.06 0.68
N VAL A 109 16.67 -6.86 0.55
CA VAL A 109 15.24 -6.65 0.66
C VAL A 109 14.60 -7.03 -0.67
N GLY A 110 13.62 -7.93 -0.61
CA GLY A 110 12.80 -8.25 -1.76
C GLY A 110 11.35 -8.00 -1.45
N TYR A 111 10.61 -7.60 -2.45
CA TYR A 111 9.22 -7.20 -2.24
C TYR A 111 8.41 -7.65 -3.43
N LEU A 112 7.38 -8.47 -3.20
CA LEU A 112 6.41 -8.82 -4.24
C LEU A 112 5.38 -7.71 -4.21
N ALA A 113 5.65 -6.66 -4.93
CA ALA A 113 4.93 -5.41 -4.86
C ALA A 113 4.06 -5.18 -6.08
N CYS A 114 2.92 -4.56 -5.87
N CYS A 114 2.90 -4.56 -5.83
CA CYS A 114 2.12 -4.03 -6.95
CA CYS A 114 1.95 -4.08 -6.83
C CYS A 114 1.86 -5.06 -8.05
C CYS A 114 1.81 -5.04 -8.01
N HIS A 115 1.38 -6.24 -7.68
CA HIS A 115 1.19 -7.30 -8.64
C HIS A 115 -0.25 -7.80 -8.58
N GLN A 116 -0.85 -7.98 -9.75
CA GLN A 116 -2.24 -8.45 -9.86
C GLN A 116 -2.31 -9.97 -9.67
N LEU A 117 -2.04 -10.38 -8.45
CA LEU A 117 -1.95 -11.79 -8.08
C LEU A 117 -3.31 -12.48 -8.18
N PHE A 118 -4.38 -11.72 -7.97
CA PHE A 118 -5.73 -12.29 -7.89
C PHE A 118 -6.30 -12.54 -9.27
N ASP A 119 -5.86 -11.81 -10.26
N ASP A 119 -5.87 -11.78 -10.26
CA ASP A 119 -6.17 -12.16 -11.64
CA ASP A 119 -6.14 -12.13 -11.66
C ASP A 119 -5.38 -13.39 -12.08
C ASP A 119 -5.38 -13.38 -12.06
N GLN A 120 -4.13 -13.50 -11.61
CA GLN A 120 -3.28 -14.63 -11.93
C GLN A 120 -3.76 -15.91 -11.26
N ILE A 121 -4.26 -15.79 -10.04
CA ILE A 121 -4.63 -16.92 -9.19
C ILE A 121 -6.06 -16.73 -8.70
N PRO A 122 -7.05 -17.06 -9.51
CA PRO A 122 -8.44 -16.75 -9.12
C PRO A 122 -8.88 -17.40 -7.83
N GLU A 123 -8.30 -18.53 -7.43
CA GLU A 123 -8.70 -19.15 -6.19
C GLU A 123 -8.46 -18.24 -5.00
N LEU A 124 -7.36 -17.44 -5.03
CA LEU A 124 -7.10 -16.51 -3.95
C LEU A 124 -8.08 -15.36 -3.93
N LYS A 125 -8.66 -15.03 -5.07
CA LYS A 125 -9.66 -13.99 -5.10
C LYS A 125 -10.86 -14.33 -4.23
N GLN A 126 -11.15 -15.64 -4.04
CA GLN A 126 -12.26 -16.02 -3.17
C GLN A 126 -12.06 -15.62 -1.72
N ASP A 127 -10.84 -15.27 -1.33
CA ASP A 127 -10.52 -14.98 0.04
C ASP A 127 -10.63 -13.49 0.38
N ILE A 128 -10.97 -12.64 -0.60
CA ILE A 128 -11.04 -11.18 -0.45
C ILE A 128 -12.39 -10.71 -0.98
N SER A 129 -12.69 -9.43 -0.70
N SER A 129 -12.68 -9.43 -0.73
CA SER A 129 -13.91 -8.79 -1.19
CA SER A 129 -13.88 -8.84 -1.31
C SER A 129 -13.60 -7.33 -1.52
C SER A 129 -13.62 -7.34 -1.52
N ILE A 130 -14.14 -6.82 -2.62
CA ILE A 130 -14.04 -5.39 -2.89
C ILE A 130 -14.89 -4.64 -1.86
N PRO A 131 -14.36 -3.66 -1.16
CA PRO A 131 -15.21 -2.89 -0.22
C PRO A 131 -16.39 -2.24 -0.93
N ASP A 132 -17.56 -2.30 -0.29
CA ASP A 132 -18.77 -1.73 -0.88
C ASP A 132 -18.65 -0.23 -1.15
N TYR A 133 -17.79 0.45 -0.39
CA TYR A 133 -17.57 1.87 -0.57
C TYR A 133 -17.07 2.22 -1.96
N ALA A 134 -16.41 1.27 -2.66
CA ALA A 134 -15.92 1.56 -4.00
C ALA A 134 -17.06 1.76 -4.99
N SER A 135 -18.27 1.36 -4.65
CA SER A 135 -19.37 1.60 -5.57
C SER A 135 -19.84 3.06 -5.57
N LEU A 136 -19.28 3.90 -4.69
CA LEU A 136 -19.54 5.32 -4.71
C LEU A 136 -18.78 6.02 -5.83
N GLY A 137 -17.89 5.29 -6.50
CA GLY A 137 -17.10 5.85 -7.57
C GLY A 137 -17.88 5.91 -8.87
N ASP A 138 -17.29 6.63 -9.83
CA ASP A 138 -17.91 6.76 -11.15
C ASP A 138 -17.44 5.67 -12.12
N GLY A 139 -16.53 4.78 -11.70
CA GLY A 139 -15.96 3.78 -12.57
C GLY A 139 -16.63 2.40 -12.48
N GLU A 140 -16.22 1.52 -13.39
CA GLU A 140 -16.79 0.18 -13.47
C GLU A 140 -16.06 -0.77 -12.52
N GLU A 141 -16.83 -1.58 -11.81
N GLU A 141 -16.82 -1.59 -11.82
CA GLU A 141 -16.25 -2.55 -10.90
CA GLU A 141 -16.22 -2.53 -10.90
C GLU A 141 -15.21 -3.40 -11.62
C GLU A 141 -15.20 -3.41 -11.62
N GLU A 142 -15.48 -3.74 -12.89
CA GLU A 142 -14.59 -4.59 -13.67
C GLU A 142 -13.21 -3.98 -13.81
N GLU A 143 -13.11 -2.66 -13.75
CA GLU A 143 -11.86 -1.98 -14.02
C GLU A 143 -11.07 -1.66 -12.76
N ILE A 144 -11.59 -2.04 -11.58
CA ILE A 144 -10.84 -1.83 -10.34
C ILE A 144 -9.60 -2.71 -10.39
N THR A 145 -8.46 -2.14 -10.06
CA THR A 145 -7.20 -2.88 -10.09
C THR A 145 -6.88 -3.38 -8.70
N ILE A 146 -6.73 -4.68 -8.54
CA ILE A 146 -6.47 -5.31 -7.23
C ILE A 146 -5.02 -5.76 -7.25
N ASN A 147 -4.20 -5.22 -6.35
CA ASN A 147 -2.80 -5.61 -6.26
C ASN A 147 -2.46 -6.22 -4.91
N ALA A 148 -1.57 -7.20 -4.96
CA ALA A 148 -0.92 -7.76 -3.80
C ALA A 148 0.37 -7.03 -3.49
N TRP A 149 0.66 -6.92 -2.19
CA TRP A 149 1.90 -6.35 -1.66
C TRP A 149 2.36 -7.31 -0.57
N PHE A 150 3.34 -8.14 -0.85
CA PHE A 150 3.73 -9.22 0.03
C PHE A 150 5.24 -9.15 0.22
N GLY A 151 5.70 -9.05 1.45
CA GLY A 151 7.12 -8.96 1.66
C GLY A 151 7.49 -9.06 3.13
N PRO A 152 8.79 -9.11 3.39
CA PRO A 152 9.30 -9.15 4.75
C PRO A 152 9.11 -7.84 5.48
N GLN A 153 9.35 -7.91 6.78
CA GLN A 153 9.57 -6.70 7.55
C GLN A 153 10.62 -5.84 6.86
N GLY A 154 10.41 -4.52 6.82
CA GLY A 154 11.40 -3.60 6.35
C GLY A 154 11.25 -3.15 4.93
N THR A 155 10.31 -3.67 4.15
CA THR A 155 10.05 -3.09 2.84
C THR A 155 9.65 -1.64 3.01
N ILE A 156 10.05 -0.80 2.06
CA ILE A 156 9.72 0.61 2.05
C ILE A 156 9.24 0.98 0.66
N SER A 157 8.06 1.60 0.59
CA SER A 157 7.59 2.27 -0.61
C SER A 157 7.74 3.76 -0.40
N PRO A 158 8.69 4.40 -1.09
CA PRO A 158 8.91 5.84 -0.93
C PRO A 158 7.67 6.67 -1.19
N LEU A 159 7.69 7.89 -0.66
CA LEU A 159 6.56 8.79 -0.75
C LEU A 159 6.19 9.06 -2.21
N HIS A 160 4.94 8.81 -2.56
CA HIS A 160 4.47 8.95 -3.94
C HIS A 160 2.96 9.14 -3.93
N GLN A 161 2.42 9.46 -5.08
CA GLN A 161 0.97 9.64 -5.24
C GLN A 161 0.50 8.83 -6.43
N ASP A 162 -0.75 8.39 -6.39
CA ASP A 162 -1.37 7.58 -7.42
C ASP A 162 -2.56 8.30 -8.01
N PRO A 163 -2.95 7.94 -9.24
CA PRO A 163 -3.99 8.68 -9.96
C PRO A 163 -5.41 8.18 -9.73
N GLN A 164 -5.64 7.28 -8.79
CA GLN A 164 -6.98 6.81 -8.45
C GLN A 164 -7.11 6.77 -6.94
N GLN A 165 -8.33 6.61 -6.46
CA GLN A 165 -8.59 6.32 -5.06
C GLN A 165 -8.01 4.96 -4.71
N ASN A 166 -7.75 4.73 -3.41
CA ASN A 166 -7.24 3.43 -2.98
C ASN A 166 -7.84 3.01 -1.66
N PHE A 167 -8.27 1.76 -1.56
CA PHE A 167 -8.44 1.07 -0.29
C PHE A 167 -7.30 0.08 -0.12
N LEU A 168 -6.42 0.33 0.86
CA LEU A 168 -5.27 -0.53 1.17
C LEU A 168 -5.64 -1.36 2.38
N VAL A 169 -5.81 -2.67 2.16
CA VAL A 169 -6.29 -3.58 3.20
C VAL A 169 -5.14 -4.38 3.76
N GLN A 170 -4.97 -4.35 5.08
CA GLN A 170 -3.88 -5.07 5.73
C GLN A 170 -4.36 -6.44 6.15
N VAL A 171 -3.68 -7.50 5.70
CA VAL A 171 -4.07 -8.87 6.00
C VAL A 171 -3.12 -9.49 7.01
N MET A 172 -1.83 -9.52 6.71
N MET A 172 -1.82 -9.41 6.76
CA MET A 172 -0.79 -10.04 7.58
CA MET A 172 -0.80 -10.01 7.60
C MET A 172 0.13 -8.91 8.01
C MET A 172 0.19 -8.93 8.00
N GLY A 173 0.52 -8.86 9.28
CA GLY A 173 1.51 -7.90 9.74
C GLY A 173 0.97 -6.47 9.79
N ARG A 174 1.88 -5.55 10.12
CA ARG A 174 1.56 -4.14 10.27
C ARG A 174 2.46 -3.28 9.39
N LYS A 175 1.93 -2.12 9.01
CA LYS A 175 2.65 -1.12 8.25
C LYS A 175 2.58 0.25 8.91
N TYR A 176 3.71 0.95 8.93
N TYR A 176 3.74 0.93 9.00
CA TYR A 176 3.77 2.36 9.30
CA TYR A 176 3.76 2.36 9.31
C TYR A 176 3.54 3.18 8.05
C TYR A 176 3.51 3.14 8.04
N ILE A 177 2.57 4.09 8.09
CA ILE A 177 2.14 4.83 6.91
C ILE A 177 2.14 6.31 7.24
N ARG A 178 2.73 7.12 6.36
N ARG A 178 2.74 7.12 6.39
CA ARG A 178 2.74 8.57 6.46
CA ARG A 178 2.66 8.56 6.49
C ARG A 178 2.02 9.14 5.24
C ARG A 178 1.98 9.11 5.25
N LEU A 179 1.13 10.10 5.46
CA LEU A 179 0.28 10.68 4.42
C LEU A 179 0.42 12.19 4.40
N TYR A 180 0.68 12.74 3.21
CA TYR A 180 0.79 14.18 3.01
C TYR A 180 -0.22 14.59 1.94
N SER A 181 -0.96 15.65 2.21
N SER A 181 -1.02 15.60 2.22
CA SER A 181 -2.00 16.12 1.32
CA SER A 181 -2.05 15.98 1.29
C SER A 181 -1.42 16.60 -0.01
C SER A 181 -1.46 16.57 0.01
N PRO A 182 -2.20 16.52 -1.09
CA PRO A 182 -1.72 17.15 -2.34
C PRO A 182 -1.47 18.64 -2.21
N GLN A 183 -2.13 19.29 -1.25
N GLN A 183 -2.13 19.32 -1.27
CA GLN A 183 -1.85 20.70 -0.97
CA GLN A 183 -1.84 20.73 -1.06
C GLN A 183 -0.41 20.95 -0.52
C GLN A 183 -0.44 20.97 -0.50
N GLU A 184 0.28 19.92 0.00
N GLU A 184 0.26 19.92 -0.05
CA GLU A 184 1.64 20.05 0.48
CA GLU A 184 1.62 20.06 0.47
C GLU A 184 2.70 19.70 -0.57
C GLU A 184 2.68 19.69 -0.56
N SER A 185 2.28 19.50 -1.83
CA SER A 185 3.22 18.98 -2.83
C SER A 185 4.50 19.80 -2.96
N GLY A 186 4.42 21.12 -2.81
CA GLY A 186 5.62 21.94 -2.91
C GLY A 186 6.71 21.51 -1.93
N ALA A 187 6.31 21.12 -0.73
CA ALA A 187 7.24 20.79 0.32
C ALA A 187 7.80 19.39 0.16
N LEU A 188 7.35 18.67 -0.87
CA LEU A 188 7.72 17.28 -1.07
C LEU A 188 8.68 17.09 -2.22
N TYR A 189 9.00 18.16 -2.93
CA TYR A 189 10.02 18.13 -3.96
C TYR A 189 9.88 16.94 -4.92
N PRO A 190 8.80 16.91 -5.71
CA PRO A 190 8.63 15.82 -6.68
C PRO A 190 9.82 15.77 -7.63
N HIS A 191 10.18 14.58 -8.06
CA HIS A 191 11.17 14.44 -9.13
C HIS A 191 10.71 15.16 -10.40
N ASP A 192 11.70 15.72 -11.12
CA ASP A 192 11.44 16.40 -12.38
C ASP A 192 11.20 15.41 -13.53
N THR A 193 11.83 14.25 -13.51
CA THR A 193 11.75 13.31 -14.63
C THR A 193 10.32 12.80 -14.81
N HIS A 194 10.02 12.35 -16.02
CA HIS A 194 8.67 11.87 -16.30
C HIS A 194 8.38 10.56 -15.59
N LEU A 195 9.38 9.67 -15.51
CA LEU A 195 9.15 8.41 -14.82
C LEU A 195 8.78 8.65 -13.37
N LEU A 196 9.37 9.65 -12.74
CA LEU A 196 9.26 9.79 -11.30
C LEU A 196 8.50 11.03 -10.84
N HIS A 197 7.74 11.72 -11.68
N HIS A 197 7.73 11.71 -11.69
CA HIS A 197 7.14 12.98 -11.24
CA HIS A 197 7.12 12.97 -11.26
C HIS A 197 6.06 12.79 -10.18
C HIS A 197 6.08 12.77 -10.16
N ASN A 198 5.54 11.57 -10.02
CA ASN A 198 4.61 11.24 -8.95
C ASN A 198 5.31 10.75 -7.70
N THR A 199 6.63 10.89 -7.62
CA THR A 199 7.41 10.41 -6.48
C THR A 199 8.20 11.58 -5.91
N SER A 200 8.25 11.64 -4.60
CA SER A 200 9.01 12.67 -3.90
C SER A 200 10.51 12.35 -3.97
N GLN A 201 11.34 13.39 -3.97
CA GLN A 201 12.77 13.23 -3.81
C GLN A 201 13.19 12.98 -2.38
N VAL A 202 12.32 13.17 -1.42
CA VAL A 202 12.67 13.12 0.00
C VAL A 202 12.53 11.71 0.57
N ASP A 203 13.49 11.31 1.40
N ASP A 203 13.47 11.29 1.42
CA ASP A 203 13.36 10.11 2.25
CA ASP A 203 13.34 10.03 2.17
C ASP A 203 12.58 10.52 3.49
C ASP A 203 12.63 10.35 3.49
N VAL A 204 11.32 10.06 3.58
CA VAL A 204 10.46 10.55 4.65
C VAL A 204 11.08 10.38 6.03
N GLU A 205 11.65 9.22 6.33
CA GLU A 205 12.08 8.97 7.69
C GLU A 205 13.50 9.43 7.98
N ASN A 206 14.21 9.96 7.01
CA ASN A 206 15.51 10.54 7.25
C ASN A 206 15.73 11.62 6.21
N PRO A 207 14.96 12.69 6.26
CA PRO A 207 15.00 13.67 5.16
C PRO A 207 16.28 14.49 5.22
N ASP A 208 16.76 14.85 4.05
CA ASP A 208 17.91 15.75 3.96
C ASP A 208 17.36 17.17 4.07
N LEU A 209 17.39 17.72 5.27
CA LEU A 209 16.72 19.01 5.46
C LEU A 209 17.60 20.17 5.03
N GLU A 210 18.87 19.92 4.68
N GLU A 210 18.88 19.94 4.71
CA GLU A 210 19.68 20.97 4.09
CA GLU A 210 19.66 20.99 4.08
C GLU A 210 19.31 21.15 2.64
C GLU A 210 19.20 21.17 2.64
N LYS A 211 18.98 20.07 1.96
N LYS A 211 18.98 20.08 1.95
CA LYS A 211 18.56 20.13 0.57
CA LYS A 211 18.56 20.12 0.56
C LYS A 211 17.06 20.34 0.40
C LYS A 211 17.06 20.36 0.41
N PHE A 212 16.27 19.87 1.36
CA PHE A 212 14.80 19.87 1.27
C PHE A 212 14.19 20.53 2.50
N PRO A 213 14.54 21.79 2.77
CA PRO A 213 14.11 22.41 4.05
C PRO A 213 12.62 22.55 4.21
N LYS A 214 11.88 22.69 3.13
CA LYS A 214 10.42 22.86 3.26
C LYS A 214 9.74 21.61 3.79
N PHE A 215 10.38 20.46 3.68
CA PHE A 215 9.77 19.21 4.12
C PHE A 215 9.52 19.21 5.63
N ALA A 216 10.38 19.88 6.38
CA ALA A 216 10.39 19.74 7.85
C ALA A 216 9.11 20.19 8.47
N LYS A 217 8.52 21.24 7.97
CA LYS A 217 7.34 21.84 8.58
C LYS A 217 6.07 21.37 7.92
N ALA A 218 6.15 20.51 6.90
CA ALA A 218 4.93 20.12 6.20
C ALA A 218 4.09 19.22 7.10
N PRO A 219 2.80 19.51 7.29
CA PRO A 219 1.95 18.68 8.15
C PRO A 219 1.62 17.37 7.46
N PHE A 220 1.30 16.36 8.27
CA PHE A 220 1.00 15.03 7.76
C PHE A 220 0.12 14.29 8.74
N LEU A 221 -0.42 13.18 8.29
CA LEU A 221 -1.08 12.20 9.14
C LEU A 221 -0.23 10.92 9.14
N SER A 222 -0.36 10.12 10.18
CA SER A 222 0.30 8.83 10.17
C SER A 222 -0.54 7.81 10.90
N ALA A 223 -0.19 6.54 10.70
CA ALA A 223 -0.84 5.45 11.40
C ALA A 223 0.04 4.23 11.34
N ILE A 224 -0.24 3.29 12.23
CA ILE A 224 0.17 1.91 12.07
C ILE A 224 -1.07 1.13 11.65
N LEU A 225 -1.05 0.60 10.45
CA LEU A 225 -2.18 -0.15 9.89
C LEU A 225 -2.00 -1.62 10.27
N SER A 226 -2.99 -2.18 10.94
N SER A 226 -2.98 -2.19 10.93
CA SER A 226 -2.93 -3.53 11.48
CA SER A 226 -2.88 -3.55 11.45
C SER A 226 -3.86 -4.49 10.71
C SER A 226 -3.87 -4.48 10.75
N PRO A 227 -3.69 -5.79 10.92
CA PRO A 227 -4.55 -6.75 10.22
C PRO A 227 -6.02 -6.47 10.41
N GLY A 228 -6.79 -6.57 9.33
CA GLY A 228 -8.22 -6.37 9.37
C GLY A 228 -8.65 -4.95 9.10
N GLU A 229 -7.72 -4.01 9.06
CA GLU A 229 -7.99 -2.59 8.85
C GLU A 229 -7.86 -2.23 7.37
N ILE A 230 -8.63 -1.24 6.94
CA ILE A 230 -8.55 -0.69 5.58
C ILE A 230 -8.16 0.77 5.69
N LEU A 231 -7.12 1.18 4.99
CA LEU A 231 -6.81 2.60 4.86
C LEU A 231 -7.35 3.14 3.53
N PHE A 232 -8.19 4.18 3.60
CA PHE A 232 -8.58 4.95 2.45
C PHE A 232 -7.53 6.00 2.17
N ILE A 233 -6.89 5.90 1.00
CA ILE A 233 -5.92 6.87 0.51
C ILE A 233 -6.59 7.63 -0.63
N PRO A 234 -7.03 8.85 -0.39
CA PRO A 234 -7.69 9.62 -1.46
C PRO A 234 -6.82 9.77 -2.68
N VAL A 235 -7.47 9.89 -3.84
CA VAL A 235 -6.75 10.11 -5.08
C VAL A 235 -5.75 11.25 -4.93
N LYS A 236 -4.52 10.98 -5.38
N LYS A 236 -4.52 10.98 -5.38
CA LYS A 236 -3.40 11.90 -5.37
CA LYS A 236 -3.40 11.90 -5.37
C LYS A 236 -2.80 12.18 -3.98
C LYS A 236 -2.84 12.22 -3.97
N TYR A 237 -3.34 11.61 -2.90
CA TYR A 237 -2.72 11.82 -1.60
C TYR A 237 -1.34 11.16 -1.61
N TRP A 238 -0.34 11.86 -1.10
CA TRP A 238 1.01 11.29 -1.04
C TRP A 238 1.08 10.31 0.11
N HIS A 239 1.66 9.14 -0.13
CA HIS A 239 1.76 8.10 0.88
C HIS A 239 3.12 7.43 0.84
N TYR A 240 3.58 7.10 2.03
CA TYR A 240 4.86 6.43 2.30
C TYR A 240 4.54 5.26 3.22
N VAL A 241 5.13 4.08 2.96
CA VAL A 241 4.71 2.86 3.65
C VAL A 241 5.94 2.01 4.00
N ARG A 242 6.08 1.65 5.27
CA ARG A 242 7.14 0.75 5.70
C ARG A 242 6.52 -0.43 6.45
N ALA A 243 6.87 -1.65 6.04
CA ALA A 243 6.37 -2.83 6.75
C ALA A 243 7.13 -3.03 8.06
N LEU A 244 6.39 -3.24 9.15
CA LEU A 244 6.98 -3.44 10.46
C LEU A 244 7.17 -4.92 10.78
N ASP A 245 6.50 -5.79 10.06
CA ASP A 245 6.54 -7.24 10.24
C ASP A 245 6.44 -7.85 8.86
N LEU A 246 6.63 -9.17 8.77
CA LEU A 246 6.19 -9.90 7.59
C LEU A 246 4.78 -9.43 7.26
N SER A 247 4.55 -9.01 6.02
CA SER A 247 3.36 -8.27 5.68
C SER A 247 2.73 -8.73 4.37
N PHE A 248 1.41 -8.69 4.36
CA PHE A 248 0.63 -8.90 3.14
C PHE A 248 -0.52 -7.91 3.13
N SER A 249 -0.53 -7.01 2.16
CA SER A 249 -1.62 -6.06 1.97
C SER A 249 -2.24 -6.28 0.59
N VAL A 250 -3.49 -5.83 0.45
CA VAL A 250 -4.19 -5.91 -0.82
C VAL A 250 -4.75 -4.52 -1.10
N SER A 251 -4.39 -3.91 -2.20
N SER A 251 -4.48 -3.97 -2.27
CA SER A 251 -4.92 -2.61 -2.57
CA SER A 251 -4.88 -2.62 -2.63
C SER A 251 -5.98 -2.73 -3.66
C SER A 251 -5.91 -2.65 -3.74
N PHE A 252 -6.92 -1.80 -3.62
CA PHE A 252 -7.97 -1.65 -4.63
C PHE A 252 -7.85 -0.24 -5.17
N TRP A 253 -7.43 -0.09 -6.43
CA TRP A 253 -7.38 1.21 -7.10
C TRP A 253 -8.68 1.39 -7.89
N TRP A 254 -9.40 2.47 -7.59
CA TRP A 254 -10.74 2.62 -8.09
C TRP A 254 -11.04 4.09 -8.29
N SER A 255 -12.06 4.34 -9.12
N SER A 255 -12.14 4.35 -8.96
CA SER A 255 -12.54 5.69 -9.36
CA SER A 255 -12.58 5.73 -9.11
C SER A 255 -14.04 5.80 -9.31
C SER A 255 -14.07 5.76 -9.30
N ARG B 9 7.83 1.68 -11.87
CA ARG B 9 7.27 0.82 -10.85
C ARG B 9 5.80 0.55 -11.14
N CYS B 10 5.33 -0.66 -10.84
CA CYS B 10 3.94 -1.05 -11.03
C CYS B 10 3.60 -1.30 -12.50
#